data_5AVF
#
_entry.id   5AVF
#
_cell.length_a   33.230
_cell.length_b   119.050
_cell.length_c   138.750
_cell.angle_alpha   90.00
_cell.angle_beta   90.00
_cell.angle_gamma   90.00
#
_symmetry.space_group_name_H-M   'P 21 21 21'
#
loop_
_entity.id
_entity.type
_entity.pdbx_description
1 polymer 'Methyl-accepting chemotaxis (MCP) signaling domain protein'
2 non-polymer '2-AMINOETHANESULFONIC ACID'
3 water water
#
_entity_poly.entity_id   1
_entity_poly.type   'polypeptide(L)'
_entity_poly.pdbx_seq_one_letter_code
;GPLGSVRDEIRSMVSDSVDEIVDGVSKTTAEVINGRKSIAQYATSLIESNPEPDNVRTIISQPLIKNTFLLVGFGLEKDG
SNINNDPSWNPGPTWDPRVRPWYKDAKNAGKLVITAPYADSASGEILVSVATPVKDSATGQFLGSIFYDVSLAELAELVN
EVKLFDAGYVFIVSEDGTTIAHPKKEFNGKPMSEFLGESKINVDTHQVIINGKPYAVSFSDVEGEDWYVGVVIDEEIAYA
ALDELRRSTLIHHHHHH
;
_entity_poly.pdbx_strand_id   A,B
#
# COMPACT_ATOMS: atom_id res chain seq x y z
N GLY A 1 -44.73 -15.72 7.74
CA GLY A 1 -44.40 -17.13 7.62
C GLY A 1 -42.89 -17.38 7.62
N PRO A 2 -42.47 -18.59 7.21
CA PRO A 2 -41.03 -18.88 7.22
C PRO A 2 -40.31 -18.37 5.98
N LEU A 3 -38.99 -18.59 5.93
CA LEU A 3 -38.16 -18.09 4.84
C LEU A 3 -38.45 -18.78 3.52
N GLY A 4 -39.04 -19.97 3.57
CA GLY A 4 -39.45 -20.67 2.36
C GLY A 4 -38.36 -21.49 1.69
N SER A 5 -38.60 -21.90 0.45
CA SER A 5 -37.68 -22.76 -0.31
C SER A 5 -36.31 -22.10 -0.53
N VAL A 6 -35.24 -22.83 -0.20
CA VAL A 6 -33.88 -22.29 -0.29
C VAL A 6 -32.83 -23.26 -0.86
N ARG A 7 -32.30 -22.94 -2.03
CA ARG A 7 -31.37 -23.80 -2.76
C ARG A 7 -30.08 -24.13 -2.01
N ASP A 8 -29.93 -25.40 -1.62
CA ASP A 8 -28.72 -25.89 -0.98
C ASP A 8 -27.46 -25.56 -1.77
N GLU A 9 -27.63 -25.16 -3.03
CA GLU A 9 -26.48 -24.75 -3.85
C GLU A 9 -26.16 -23.26 -3.65
N ILE A 10 -27.17 -22.39 -3.71
CA ILE A 10 -26.96 -20.95 -3.54
C ILE A 10 -26.40 -20.56 -2.17
N ARG A 11 -26.77 -21.31 -1.14
CA ARG A 11 -26.25 -21.00 0.19
C ARG A 11 -24.86 -21.60 0.44
N SER A 12 -24.31 -22.26 -0.58
CA SER A 12 -22.89 -22.62 -0.58
C SER A 12 -22.12 -21.58 -1.36
N MET A 13 -22.77 -20.99 -2.35
CA MET A 13 -22.19 -19.86 -3.08
C MET A 13 -21.99 -18.69 -2.13
N VAL A 14 -22.97 -18.48 -1.25
CA VAL A 14 -22.86 -17.46 -0.21
C VAL A 14 -21.74 -17.83 0.75
N SER A 15 -21.71 -19.09 1.18
CA SER A 15 -20.70 -19.57 2.10
C SER A 15 -19.29 -19.32 1.56
N ASP A 16 -19.14 -19.42 0.25
CA ASP A 16 -17.82 -19.25 -0.38
C ASP A 16 -17.53 -17.78 -0.67
N SER A 17 -18.55 -17.05 -1.08
CA SER A 17 -18.42 -15.61 -1.26
C SER A 17 -17.89 -14.96 0.02
N VAL A 18 -18.36 -15.44 1.17
CA VAL A 18 -17.97 -14.90 2.47
C VAL A 18 -16.50 -15.20 2.76
N ASP A 19 -16.10 -16.45 2.58
CA ASP A 19 -14.70 -16.86 2.67
C ASP A 19 -13.81 -15.96 1.83
N GLU A 20 -14.29 -15.61 0.65
CA GLU A 20 -13.52 -14.81 -0.29
C GLU A 20 -13.35 -13.37 0.18
N ILE A 21 -14.40 -12.81 0.77
CA ILE A 21 -14.32 -11.46 1.30
C ILE A 21 -13.27 -11.38 2.41
N VAL A 22 -13.37 -12.26 3.41
CA VAL A 22 -12.41 -12.24 4.52
C VAL A 22 -10.97 -12.51 4.09
N ASP A 23 -10.76 -13.51 3.24
CA ASP A 23 -9.42 -13.88 2.83
CA ASP A 23 -9.43 -13.89 2.80
C ASP A 23 -8.74 -12.72 2.11
N GLY A 24 -9.47 -12.04 1.23
CA GLY A 24 -8.94 -10.93 0.47
C GLY A 24 -8.65 -9.68 1.29
N VAL A 25 -9.61 -9.28 2.13
CA VAL A 25 -9.42 -8.11 2.99
C VAL A 25 -8.28 -8.37 3.98
N SER A 26 -8.07 -9.63 4.37
CA SER A 26 -6.98 -9.96 5.28
C SER A 26 -5.62 -9.77 4.62
N LYS A 27 -5.53 -10.08 3.33
CA LYS A 27 -4.30 -9.84 2.58
C LYS A 27 -4.08 -8.34 2.47
N THR A 28 -5.11 -7.63 2.03
CA THR A 28 -5.10 -6.18 1.93
C THR A 28 -4.68 -5.50 3.26
N THR A 29 -5.22 -6.02 4.37
CA THR A 29 -4.97 -5.42 5.68
C THR A 29 -3.53 -5.65 6.11
N ALA A 30 -3.01 -6.84 5.81
CA ALA A 30 -1.65 -7.19 6.17
C ALA A 30 -0.67 -6.29 5.43
N GLU A 31 -1.01 -5.95 4.18
CA GLU A 31 -0.14 -5.11 3.35
C GLU A 31 -0.11 -3.68 3.88
N VAL A 32 -1.26 -3.16 4.25
CA VAL A 32 -1.35 -1.79 4.73
C VAL A 32 -0.63 -1.66 6.08
N ILE A 33 -0.86 -2.62 6.96
CA ILE A 33 -0.23 -2.66 8.27
C ILE A 33 1.29 -2.86 8.16
N ASN A 34 1.71 -3.76 7.30
N ASN A 34 1.72 -3.75 7.28
CA ASN A 34 3.14 -3.95 7.05
CA ASN A 34 3.16 -3.91 7.09
C ASN A 34 3.78 -2.66 6.53
C ASN A 34 3.79 -2.63 6.55
N GLY A 35 3.08 -1.95 5.66
CA GLY A 35 3.54 -0.67 5.15
C GLY A 35 3.81 0.33 6.25
N ARG A 36 2.84 0.47 7.16
CA ARG A 36 2.98 1.42 8.25
C ARG A 36 4.06 1.02 9.27
N LYS A 37 4.16 -0.28 9.58
CA LYS A 37 5.27 -0.76 10.40
C LYS A 37 6.63 -0.42 9.77
N SER A 38 6.71 -0.53 8.45
N SER A 38 6.72 -0.53 8.45
CA SER A 38 7.96 -0.31 7.73
CA SER A 38 7.99 -0.30 7.75
C SER A 38 8.36 1.16 7.81
C SER A 38 8.38 1.17 7.83
N ILE A 39 7.38 2.05 7.74
CA ILE A 39 7.64 3.49 7.87
C ILE A 39 8.08 3.84 9.30
N ALA A 40 7.37 3.29 10.29
CA ALA A 40 7.77 3.43 11.69
C ALA A 40 9.19 2.98 11.93
N GLN A 41 9.55 1.80 11.41
CA GLN A 41 10.90 1.27 11.62
C GLN A 41 12.00 2.15 11.00
N TYR A 42 11.70 2.71 9.84
CA TYR A 42 12.64 3.57 9.12
C TYR A 42 12.91 4.83 9.96
N ALA A 43 11.83 5.48 10.39
CA ALA A 43 11.95 6.68 11.25
C ALA A 43 12.76 6.36 12.50
N THR A 44 12.44 5.24 13.11
CA THR A 44 13.14 4.83 14.32
C THR A 44 14.63 4.64 14.09
N SER A 45 14.98 4.01 12.97
CA SER A 45 16.39 3.82 12.65
C SER A 45 17.12 5.14 12.43
N LEU A 46 16.46 6.07 11.76
CA LEU A 46 17.05 7.38 11.55
C LEU A 46 17.28 8.09 12.90
N ILE A 47 16.30 7.98 13.79
CA ILE A 47 16.40 8.57 15.11
C ILE A 47 17.55 7.93 15.91
N GLU A 48 17.66 6.61 15.84
CA GLU A 48 18.74 5.96 16.58
C GLU A 48 20.10 6.40 16.08
N SER A 49 20.19 6.71 14.79
CA SER A 49 21.46 7.11 14.23
C SER A 49 21.88 8.46 14.80
N ASN A 50 20.91 9.28 15.22
CA ASN A 50 21.21 10.56 15.84
C ASN A 50 20.00 11.10 16.59
N PRO A 51 19.90 10.74 17.88
CA PRO A 51 18.67 11.11 18.58
C PRO A 51 18.65 12.55 19.14
N GLU A 52 19.44 13.45 18.57
CA GLU A 52 19.35 14.87 18.96
C GLU A 52 17.96 15.40 18.68
N PRO A 53 17.41 16.18 19.62
CA PRO A 53 15.98 16.52 19.59
C PRO A 53 15.57 17.23 18.32
N ASP A 54 16.44 18.12 17.81
CA ASP A 54 16.12 18.81 16.57
C ASP A 54 16.06 17.84 15.39
N ASN A 55 16.99 16.89 15.36
CA ASN A 55 16.98 15.86 14.32
C ASN A 55 15.71 15.02 14.44
N VAL A 56 15.37 14.61 15.66
CA VAL A 56 14.15 13.83 15.88
C VAL A 56 12.95 14.59 15.35
N ARG A 57 12.83 15.87 15.68
CA ARG A 57 11.69 16.66 15.23
C ARG A 57 11.61 16.69 13.69
N THR A 58 12.74 16.88 13.04
CA THR A 58 12.78 16.85 11.57
C THR A 58 12.26 15.54 10.99
N ILE A 59 12.71 14.43 11.55
CA ILE A 59 12.33 13.09 11.08
C ILE A 59 10.83 12.83 11.25
N ILE A 60 10.27 13.24 12.39
CA ILE A 60 8.89 12.88 12.69
C ILE A 60 7.86 13.92 12.23
N SER A 61 8.30 15.09 11.80
CA SER A 61 7.33 16.14 11.47
C SER A 61 7.03 16.30 9.98
N GLN A 62 7.56 15.41 9.15
CA GLN A 62 7.31 15.49 7.71
C GLN A 62 5.90 15.02 7.36
N PRO A 63 5.35 15.50 6.23
CA PRO A 63 4.03 15.05 5.80
C PRO A 63 3.84 13.54 5.78
N LEU A 64 4.85 12.79 5.35
CA LEU A 64 4.67 11.35 5.25
C LEU A 64 4.24 10.79 6.60
N ILE A 65 4.95 11.22 7.64
CA ILE A 65 4.69 10.76 9.00
C ILE A 65 3.36 11.30 9.52
N LYS A 66 3.13 12.59 9.33
CA LYS A 66 1.90 13.22 9.80
C LYS A 66 0.67 12.69 9.08
N ASN A 67 0.87 12.14 7.88
CA ASN A 67 -0.22 11.60 7.09
C ASN A 67 -0.46 10.14 7.36
N THR A 68 0.59 9.46 7.84
CA THR A 68 0.50 8.02 8.02
C THR A 68 -0.07 7.64 9.41
N PHE A 69 0.22 8.48 10.41
CA PHE A 69 -0.15 8.21 11.80
C PHE A 69 -0.82 9.41 12.40
N LEU A 70 -1.64 9.20 13.43
CA LEU A 70 -2.32 10.28 14.13
C LEU A 70 -1.37 11.21 14.85
N LEU A 71 -0.30 10.65 15.39
CA LEU A 71 0.58 11.38 16.29
C LEU A 71 1.80 10.51 16.49
N VAL A 72 2.95 11.14 16.66
CA VAL A 72 4.16 10.38 16.94
C VAL A 72 4.89 11.04 18.09
N GLY A 73 5.39 10.22 19.01
CA GLY A 73 6.11 10.77 20.14
C GLY A 73 7.23 9.84 20.62
N PHE A 74 8.38 10.41 20.98
CA PHE A 74 9.55 9.67 21.44
C PHE A 74 9.74 10.00 22.94
N GLY A 75 9.49 9.02 23.80
CA GLY A 75 9.66 9.24 25.25
C GLY A 75 11.02 8.80 25.74
N LEU A 76 11.65 9.59 26.62
CA LEU A 76 13.01 9.30 27.07
C LEU A 76 13.07 8.61 28.42
N GLU A 77 13.86 7.53 28.48
CA GLU A 77 13.97 6.77 29.72
C GLU A 77 14.60 7.62 30.82
N LYS A 78 15.52 8.49 30.42
CA LYS A 78 16.35 9.24 31.36
C LYS A 78 15.53 10.09 32.34
N ASP A 79 14.56 10.83 31.81
CA ASP A 79 13.81 11.82 32.57
C ASP A 79 12.31 11.86 32.27
N GLY A 80 11.84 10.99 31.37
CA GLY A 80 10.43 11.00 31.00
C GLY A 80 10.02 12.23 30.19
N SER A 81 11.00 12.94 29.63
CA SER A 81 10.72 13.99 28.65
C SER A 81 10.23 13.34 27.36
N ASN A 82 9.70 14.13 26.43
CA ASN A 82 9.34 13.59 25.13
C ASN A 82 9.55 14.57 24.00
N ILE A 83 9.69 14.04 22.79
CA ILE A 83 9.73 14.86 21.59
C ILE A 83 8.61 14.34 20.72
N ASN A 84 7.74 15.22 20.27
CA ASN A 84 6.59 14.76 19.51
C ASN A 84 6.38 15.66 18.29
N ASN A 85 5.42 15.28 17.44
CA ASN A 85 5.18 16.00 16.19
C ASN A 85 3.89 16.84 16.18
N ASP A 86 3.39 17.17 17.37
CA ASP A 86 2.18 17.99 17.49
C ASP A 86 2.19 18.89 18.72
N PRO A 87 2.63 20.15 18.54
CA PRO A 87 2.70 21.11 19.64
C PRO A 87 1.35 21.36 20.31
N SER A 88 0.25 21.04 19.64
CA SER A 88 -1.07 21.18 20.27
C SER A 88 -1.41 20.02 21.23
N TRP A 89 -0.66 18.93 21.14
CA TRP A 89 -0.96 17.74 21.94
C TRP A 89 -0.60 17.92 23.42
N ASN A 90 -1.58 17.70 24.29
CA ASN A 90 -1.39 17.77 25.73
C ASN A 90 -1.96 16.53 26.43
N PRO A 91 -1.10 15.53 26.69
CA PRO A 91 -1.62 14.30 27.31
C PRO A 91 -1.93 14.52 28.78
N GLY A 92 -1.54 15.68 29.31
CA GLY A 92 -1.78 16.01 30.71
C GLY A 92 -0.51 16.44 31.40
N PRO A 93 -0.65 17.26 32.44
CA PRO A 93 0.49 17.91 33.07
C PRO A 93 1.50 16.95 33.74
N THR A 94 1.08 15.78 34.21
CA THR A 94 2.02 14.93 34.96
C THR A 94 2.32 13.62 34.22
N TRP A 95 1.89 13.57 32.97
CA TRP A 95 2.06 12.40 32.10
C TRP A 95 3.51 11.92 32.00
N ASP A 96 3.74 10.64 32.24
CA ASP A 96 5.09 10.08 32.13
C ASP A 96 5.04 8.99 31.04
N PRO A 97 5.73 9.20 29.92
CA PRO A 97 5.67 8.20 28.85
C PRO A 97 6.12 6.84 29.33
N ARG A 98 7.04 6.83 30.30
CA ARG A 98 7.71 5.59 30.70
C ARG A 98 6.79 4.54 31.28
N VAL A 99 5.58 4.94 31.69
CA VAL A 99 4.67 3.98 32.30
C VAL A 99 3.65 3.44 31.32
N ARG A 100 3.60 4.00 30.11
CA ARG A 100 2.50 3.74 29.17
C ARG A 100 2.63 2.43 28.38
N PRO A 101 1.52 1.91 27.86
CA PRO A 101 1.48 0.61 27.14
C PRO A 101 2.43 0.55 25.93
N TRP A 102 2.41 1.57 25.09
CA TRP A 102 3.34 1.60 23.95
C TRP A 102 4.77 1.54 24.43
N TYR A 103 5.08 2.27 25.52
CA TYR A 103 6.46 2.41 25.99
C TYR A 103 6.93 1.08 26.57
N LYS A 104 6.09 0.53 27.44
CA LYS A 104 6.43 -0.72 28.14
C LYS A 104 6.47 -1.92 27.18
N ASP A 105 5.55 -1.94 26.20
CA ASP A 105 5.51 -3.04 25.24
C ASP A 105 6.78 -3.08 24.42
N ALA A 106 7.25 -1.91 23.98
CA ALA A 106 8.48 -1.80 23.21
C ALA A 106 9.70 -2.12 24.06
N LYS A 107 9.73 -1.58 25.27
CA LYS A 107 10.81 -1.91 26.22
C LYS A 107 10.85 -3.39 26.56
N ASN A 108 9.69 -3.97 26.87
CA ASN A 108 9.64 -5.37 27.31
C ASN A 108 10.08 -6.32 26.21
N ALA A 109 9.68 -6.01 24.98
CA ALA A 109 9.96 -6.87 23.82
C ALA A 109 11.30 -6.59 23.15
N GLY A 110 11.83 -5.38 23.32
CA GLY A 110 13.08 -5.01 22.66
C GLY A 110 12.98 -5.06 21.13
N LYS A 111 11.77 -4.87 20.62
CA LYS A 111 11.58 -4.81 19.19
C LYS A 111 10.24 -4.15 18.85
N LEU A 112 10.02 -3.95 17.56
CA LEU A 112 8.81 -3.28 17.10
C LEU A 112 7.58 -4.10 17.44
N VAL A 113 6.56 -3.44 17.98
CA VAL A 113 5.32 -4.12 18.31
C VAL A 113 4.17 -3.23 17.90
N ILE A 114 2.97 -3.81 17.82
CA ILE A 114 1.79 -2.98 17.82
C ILE A 114 1.02 -3.29 19.10
N THR A 115 0.59 -2.26 19.83
CA THR A 115 -0.08 -2.49 21.10
C THR A 115 -1.44 -3.11 20.90
N ALA A 116 -1.94 -3.77 21.95
CA ALA A 116 -3.36 -4.04 22.06
C ALA A 116 -4.08 -2.69 22.19
N PRO A 117 -5.40 -2.66 21.95
CA PRO A 117 -6.08 -1.38 22.10
C PRO A 117 -5.95 -0.85 23.53
N TYR A 118 -5.77 0.46 23.68
CA TYR A 118 -5.66 1.09 24.99
C TYR A 118 -6.25 2.49 24.92
N ALA A 119 -6.47 3.09 26.09
CA ALA A 119 -7.12 4.39 26.16
C ALA A 119 -6.11 5.54 26.06
N ASP A 120 -6.24 6.33 24.99
CA ASP A 120 -5.38 7.50 24.79
C ASP A 120 -5.34 8.42 26.00
N SER A 121 -4.15 8.88 26.39
CA SER A 121 -4.04 9.70 27.59
C SER A 121 -4.74 11.05 27.45
N ALA A 122 -4.58 11.71 26.31
CA ALA A 122 -5.20 13.03 26.12
C ALA A 122 -6.74 12.97 26.04
N SER A 123 -7.25 12.05 25.21
CA SER A 123 -8.67 12.03 24.84
C SER A 123 -9.50 10.90 25.46
N GLY A 124 -8.85 9.86 25.97
CA GLY A 124 -9.55 8.70 26.50
C GLY A 124 -10.02 7.73 25.42
N GLU A 125 -9.91 8.13 24.17
CA GLU A 125 -10.37 7.31 23.07
C GLU A 125 -9.48 6.09 22.88
N ILE A 126 -10.08 5.00 22.42
CA ILE A 126 -9.35 3.74 22.26
C ILE A 126 -8.60 3.73 20.94
N LEU A 127 -7.32 3.41 20.97
CA LEU A 127 -6.55 3.27 19.75
C LEU A 127 -5.46 2.21 19.91
N VAL A 128 -4.69 1.96 18.86
CA VAL A 128 -3.44 1.23 19.04
C VAL A 128 -2.27 2.09 18.57
N SER A 129 -1.06 1.69 18.95
CA SER A 129 0.14 2.33 18.45
C SER A 129 1.14 1.31 17.96
N VAL A 130 1.79 1.63 16.84
CA VAL A 130 3.05 0.97 16.55
C VAL A 130 4.05 1.53 17.53
N ALA A 131 4.88 0.68 18.10
CA ALA A 131 5.85 1.15 19.09
C ALA A 131 7.19 0.47 18.92
N THR A 132 8.27 1.24 19.13
CA THR A 132 9.62 0.74 18.92
C THR A 132 10.57 1.24 20.00
N PRO A 133 11.51 0.40 20.41
CA PRO A 133 12.53 0.87 21.35
C PRO A 133 13.61 1.63 20.60
N VAL A 134 14.30 2.50 21.31
CA VAL A 134 15.40 3.25 20.72
C VAL A 134 16.60 2.91 21.57
N LYS A 135 17.65 2.41 20.94
CA LYS A 135 18.82 1.95 21.67
C LYS A 135 20.05 2.84 21.42
N ASP A 136 20.90 2.98 22.43
CA ASP A 136 22.14 3.70 22.23
C ASP A 136 22.99 2.93 21.21
N SER A 137 23.37 3.60 20.13
CA SER A 137 24.15 2.96 19.06
C SER A 137 25.53 2.49 19.49
N ALA A 138 26.13 3.19 20.45
CA ALA A 138 27.43 2.79 20.97
C ALA A 138 27.29 1.61 21.93
N THR A 139 26.45 1.78 22.95
CA THR A 139 26.36 0.84 24.06
C THR A 139 25.22 -0.18 23.95
N GLY A 140 24.26 0.07 23.08
CA GLY A 140 23.09 -0.79 22.98
C GLY A 140 22.11 -0.58 24.12
N GLN A 141 22.39 0.43 24.94
CA GLN A 141 21.55 0.78 26.07
C GLN A 141 20.18 1.31 25.62
N PHE A 142 19.11 0.85 26.28
CA PHE A 142 17.77 1.35 26.01
C PHE A 142 17.65 2.84 26.35
N LEU A 143 17.30 3.66 25.36
CA LEU A 143 17.18 5.11 25.59
C LEU A 143 15.73 5.58 25.79
N GLY A 144 14.77 4.80 25.30
CA GLY A 144 13.39 5.21 25.36
C GLY A 144 12.62 4.53 24.24
N SER A 145 11.36 4.91 24.04
CA SER A 145 10.50 4.26 23.06
C SER A 145 9.80 5.31 22.23
N ILE A 146 9.31 4.94 21.05
CA ILE A 146 8.58 5.90 20.22
C ILE A 146 7.25 5.25 19.92
N PHE A 147 6.16 6.02 19.97
CA PHE A 147 4.87 5.52 19.51
C PHE A 147 4.46 6.15 18.20
N TYR A 148 3.69 5.39 17.43
CA TYR A 148 3.11 5.89 16.19
C TYR A 148 1.63 5.50 16.21
N ASP A 149 0.77 6.48 16.48
CA ASP A 149 -0.65 6.21 16.74
C ASP A 149 -1.43 5.84 15.49
N VAL A 150 -2.30 4.86 15.63
CA VAL A 150 -3.12 4.33 14.54
C VAL A 150 -4.60 4.47 14.92
N SER A 151 -5.37 5.13 14.06
CA SER A 151 -6.80 5.32 14.30
C SER A 151 -7.55 4.04 14.01
N LEU A 152 -8.34 3.61 14.99
CA LEU A 152 -9.16 2.42 14.82
C LEU A 152 -10.41 2.74 13.98
N ALA A 153 -10.89 3.97 14.09
CA ALA A 153 -11.95 4.45 13.20
C ALA A 153 -11.52 4.30 11.75
N GLU A 154 -10.27 4.69 11.47
CA GLU A 154 -9.73 4.58 10.13
C GLU A 154 -9.46 3.14 9.65
N LEU A 155 -9.01 2.27 10.55
CA LEU A 155 -8.87 0.85 10.22
C LEU A 155 -10.23 0.25 9.86
N ALA A 156 -11.26 0.64 10.60
CA ALA A 156 -12.62 0.15 10.33
C ALA A 156 -13.12 0.59 8.96
N GLU A 157 -12.87 1.86 8.64
CA GLU A 157 -13.21 2.40 7.34
C GLU A 157 -12.47 1.63 6.23
N LEU A 158 -11.20 1.37 6.46
CA LEU A 158 -10.36 0.66 5.49
C LEU A 158 -10.85 -0.75 5.15
N VAL A 159 -11.22 -1.52 6.18
CA VAL A 159 -11.66 -2.90 5.94
C VAL A 159 -13.08 -2.99 5.39
N ASN A 160 -13.82 -1.89 5.46
CA ASN A 160 -15.18 -1.84 4.93
C ASN A 160 -15.29 -1.12 3.60
N GLU A 161 -14.17 -1.07 2.86
CA GLU A 161 -14.20 -0.57 1.50
C GLU A 161 -15.12 -1.47 0.70
N VAL A 162 -14.93 -2.78 0.86
CA VAL A 162 -15.76 -3.77 0.22
C VAL A 162 -17.24 -3.37 0.26
N LYS A 163 -17.94 -3.60 -0.85
CA LYS A 163 -19.32 -3.15 -0.99
C LYS A 163 -20.31 -4.22 -0.57
N LEU A 164 -20.96 -4.01 0.58
CA LEU A 164 -21.86 -5.04 1.13
C LEU A 164 -23.34 -4.62 1.11
N PHE A 165 -23.60 -3.39 0.69
CA PHE A 165 -24.98 -2.90 0.53
C PHE A 165 -25.84 -3.12 1.76
N ASP A 166 -25.31 -2.78 2.93
CA ASP A 166 -26.06 -2.92 4.19
C ASP A 166 -26.45 -4.36 4.52
N ALA A 167 -25.88 -5.31 3.78
CA ALA A 167 -26.08 -6.72 4.08
C ALA A 167 -25.24 -7.17 5.28
N GLY A 168 -24.12 -6.47 5.52
CA GLY A 168 -23.22 -6.83 6.61
C GLY A 168 -22.03 -5.90 6.78
N TYR A 169 -21.06 -6.30 7.58
CA TYR A 169 -19.89 -5.44 7.78
C TYR A 169 -18.64 -6.25 8.09
N VAL A 170 -17.50 -5.57 7.96
CA VAL A 170 -16.19 -6.14 8.26
C VAL A 170 -15.62 -5.51 9.54
N PHE A 171 -14.82 -6.28 10.26
CA PHE A 171 -14.24 -5.81 11.50
C PHE A 171 -12.92 -6.51 11.73
N ILE A 172 -12.18 -6.11 12.75
CA ILE A 172 -10.92 -6.76 13.02
C ILE A 172 -10.88 -7.13 14.48
N VAL A 173 -10.43 -8.34 14.76
CA VAL A 173 -10.25 -8.78 16.14
C VAL A 173 -8.84 -9.35 16.32
N SER A 174 -8.38 -9.46 17.57
CA SER A 174 -7.13 -10.16 17.85
C SER A 174 -7.40 -11.64 18.13
N GLU A 175 -6.33 -12.42 18.25
CA GLU A 175 -6.44 -13.87 18.48
C GLU A 175 -7.37 -14.24 19.64
N ASP A 176 -7.30 -13.49 20.75
CA ASP A 176 -8.13 -13.79 21.91
C ASP A 176 -9.56 -13.22 21.81
N GLY A 177 -9.92 -12.67 20.65
CA GLY A 177 -11.26 -12.17 20.43
C GLY A 177 -11.50 -10.72 20.84
N THR A 178 -10.46 -10.03 21.32
CA THR A 178 -10.58 -8.60 21.59
C THR A 178 -10.80 -7.86 20.27
N THR A 179 -11.77 -6.96 20.24
CA THR A 179 -12.06 -6.22 19.01
C THR A 179 -10.99 -5.16 18.73
N ILE A 180 -10.38 -5.20 17.56
CA ILE A 180 -9.36 -4.20 17.21
C ILE A 180 -10.02 -3.02 16.49
N ALA A 181 -10.94 -3.33 15.59
CA ALA A 181 -11.59 -2.29 14.80
C ALA A 181 -13.01 -2.69 14.39
N HIS A 182 -14.00 -1.90 14.79
CA HIS A 182 -15.40 -2.14 14.46
C HIS A 182 -15.99 -0.85 13.91
N PRO A 183 -16.92 -0.94 12.94
CA PRO A 183 -17.59 0.28 12.47
C PRO A 183 -18.15 1.12 13.63
N LYS A 184 -18.60 0.48 14.70
CA LYS A 184 -19.03 1.20 15.90
C LYS A 184 -17.92 1.24 16.94
N LYS A 185 -17.25 2.37 17.03
CA LYS A 185 -16.06 2.49 17.88
C LYS A 185 -16.32 2.02 19.29
N GLU A 186 -17.58 2.07 19.72
CA GLU A 186 -17.94 1.62 21.07
C GLU A 186 -17.45 0.20 21.40
N PHE A 187 -17.31 -0.64 20.39
CA PHE A 187 -16.84 -2.02 20.61
C PHE A 187 -15.31 -2.15 20.63
N ASN A 188 -14.61 -1.16 20.08
CA ASN A 188 -13.14 -1.22 20.03
C ASN A 188 -12.52 -1.57 21.38
N GLY A 189 -11.69 -2.61 21.40
CA GLY A 189 -11.05 -3.01 22.64
C GLY A 189 -11.91 -3.87 23.55
N LYS A 190 -13.12 -4.20 23.11
CA LYS A 190 -14.00 -5.08 23.89
C LYS A 190 -14.12 -6.45 23.24
N PRO A 191 -14.55 -7.46 24.01
CA PRO A 191 -14.75 -8.82 23.46
C PRO A 191 -15.71 -8.77 22.27
N MET A 192 -15.44 -9.54 21.23
CA MET A 192 -16.26 -9.51 20.03
C MET A 192 -17.64 -10.10 20.30
N SER A 193 -17.75 -10.83 21.41
CA SER A 193 -19.03 -11.42 21.81
C SER A 193 -20.06 -10.32 22.05
N GLU A 194 -19.59 -9.12 22.37
CA GLU A 194 -20.50 -8.00 22.60
C GLU A 194 -21.31 -7.63 21.37
N PHE A 195 -20.85 -8.01 20.18
CA PHE A 195 -21.66 -7.82 18.97
C PHE A 195 -21.94 -9.11 18.20
N LEU A 196 -21.18 -10.16 18.48
CA LEU A 196 -21.38 -11.45 17.80
C LEU A 196 -22.13 -12.47 18.64
N GLY A 197 -22.08 -12.31 19.95
CA GLY A 197 -22.65 -13.30 20.84
C GLY A 197 -21.60 -14.35 21.15
N GLU A 198 -20.95 -14.90 20.11
CA GLU A 198 -19.87 -15.86 20.36
C GLU A 198 -18.57 -15.16 20.74
N SER A 199 -17.77 -15.81 21.60
CA SER A 199 -16.58 -15.17 22.14
C SER A 199 -15.29 -15.73 21.53
N LYS A 200 -15.39 -16.88 20.89
CA LYS A 200 -14.22 -17.59 20.38
C LYS A 200 -14.19 -17.60 18.86
N ILE A 201 -12.99 -17.42 18.29
CA ILE A 201 -12.86 -17.35 16.84
C ILE A 201 -12.98 -18.72 16.20
N ASN A 202 -13.87 -18.80 15.21
CA ASN A 202 -14.04 -19.97 14.36
C ASN A 202 -13.94 -19.52 12.91
N VAL A 203 -12.80 -19.82 12.29
CA VAL A 203 -12.46 -19.21 11.01
C VAL A 203 -13.38 -19.61 9.87
N ASP A 204 -13.78 -20.88 9.85
CA ASP A 204 -14.64 -21.38 8.79
C ASP A 204 -16.01 -20.72 8.80
N THR A 205 -16.47 -20.28 7.64
CA THR A 205 -17.77 -19.64 7.52
C THR A 205 -18.84 -20.47 8.25
N HIS A 206 -19.63 -19.83 9.09
CA HIS A 206 -20.60 -20.55 9.90
C HIS A 206 -21.77 -19.66 10.26
N GLN A 207 -22.89 -20.29 10.62
CA GLN A 207 -24.09 -19.56 10.94
C GLN A 207 -24.10 -19.14 12.39
N VAL A 208 -24.54 -17.91 12.63
CA VAL A 208 -24.65 -17.38 13.97
C VAL A 208 -26.01 -16.72 14.05
N ILE A 209 -26.71 -16.93 15.16
CA ILE A 209 -28.00 -16.29 15.37
C ILE A 209 -27.88 -15.04 16.23
N ILE A 210 -28.36 -13.92 15.72
CA ILE A 210 -28.27 -12.67 16.46
C ILE A 210 -29.59 -11.94 16.48
N ASN A 211 -30.17 -11.86 17.68
CA ASN A 211 -31.55 -11.40 17.83
C ASN A 211 -32.48 -12.22 16.94
N GLY A 212 -32.27 -13.54 16.98
CA GLY A 212 -33.15 -14.47 16.28
C GLY A 212 -32.88 -14.65 14.80
N LYS A 213 -32.03 -13.80 14.23
CA LYS A 213 -31.75 -13.85 12.79
C LYS A 213 -30.43 -14.55 12.48
N PRO A 214 -30.41 -15.30 11.36
CA PRO A 214 -29.23 -16.02 10.91
C PRO A 214 -28.22 -15.08 10.23
N TYR A 215 -26.94 -15.21 10.62
CA TYR A 215 -25.85 -14.47 9.98
C TYR A 215 -24.72 -15.42 9.60
N ALA A 216 -24.11 -15.18 8.44
CA ALA A 216 -22.94 -15.91 8.05
C ALA A 216 -21.75 -15.14 8.60
N VAL A 217 -20.94 -15.82 9.39
CA VAL A 217 -19.74 -15.23 9.97
C VAL A 217 -18.51 -16.02 9.52
N SER A 218 -17.48 -15.31 9.05
CA SER A 218 -16.23 -15.95 8.67
C SER A 218 -15.05 -15.09 9.15
N PHE A 219 -13.89 -15.73 9.32
CA PHE A 219 -12.67 -15.01 9.69
C PHE A 219 -11.50 -15.38 8.78
N SER A 220 -10.48 -14.52 8.75
CA SER A 220 -9.24 -14.85 8.08
C SER A 220 -8.09 -14.15 8.75
N ASP A 221 -7.02 -14.92 8.97
CA ASP A 221 -5.83 -14.45 9.68
C ASP A 221 -5.15 -13.31 8.94
N VAL A 222 -4.52 -12.42 9.71
CA VAL A 222 -3.71 -11.37 9.14
C VAL A 222 -2.24 -11.76 9.32
N GLU A 223 -1.52 -11.81 8.21
CA GLU A 223 -0.10 -12.15 8.28
C GLU A 223 0.64 -10.97 8.89
N GLY A 224 1.39 -11.21 9.97
CA GLY A 224 2.20 -10.16 10.57
C GLY A 224 1.76 -9.70 11.94
N GLU A 225 0.52 -9.98 12.30
CA GLU A 225 0.00 -9.70 13.63
C GLU A 225 -0.85 -10.90 14.07
N ASP A 226 -1.10 -11.01 15.37
CA ASP A 226 -2.04 -12.02 15.86
C ASP A 226 -3.47 -11.48 15.75
N TRP A 227 -3.85 -11.06 14.54
CA TRP A 227 -5.15 -10.47 14.25
C TRP A 227 -5.92 -11.31 13.24
N TYR A 228 -7.24 -11.16 13.24
CA TYR A 228 -8.11 -11.75 12.22
C TYR A 228 -9.09 -10.73 11.69
N VAL A 229 -9.32 -10.79 10.38
CA VAL A 229 -10.36 -9.96 9.79
C VAL A 229 -11.61 -10.82 9.81
N GLY A 230 -12.71 -10.26 10.31
CA GLY A 230 -13.97 -10.99 10.41
C GLY A 230 -15.04 -10.28 9.59
N VAL A 231 -16.06 -11.04 9.18
CA VAL A 231 -17.17 -10.47 8.44
C VAL A 231 -18.46 -11.05 9.00
N VAL A 232 -19.50 -10.22 9.08
CA VAL A 232 -20.82 -10.70 9.49
C VAL A 232 -21.81 -10.22 8.45
N ILE A 233 -22.60 -11.18 7.94
CA ILE A 233 -23.44 -10.97 6.77
C ILE A 233 -24.85 -11.55 7.03
N ASP A 234 -25.86 -10.70 6.88
CA ASP A 234 -27.26 -11.12 6.99
C ASP A 234 -27.52 -12.18 5.96
N GLU A 235 -27.71 -13.42 6.40
CA GLU A 235 -27.81 -14.54 5.50
C GLU A 235 -29.01 -14.40 4.58
N GLU A 236 -30.12 -13.90 5.10
CA GLU A 236 -31.32 -13.73 4.29
C GLU A 236 -31.11 -12.76 3.11
N ILE A 237 -30.55 -11.58 3.41
CA ILE A 237 -30.29 -10.59 2.37
C ILE A 237 -29.29 -11.13 1.36
N ALA A 238 -28.27 -11.82 1.86
CA ALA A 238 -27.24 -12.37 0.98
C ALA A 238 -27.86 -13.37 0.03
N TYR A 239 -28.65 -14.29 0.58
CA TYR A 239 -29.32 -15.30 -0.22
C TYR A 239 -30.24 -14.63 -1.24
N ALA A 240 -30.98 -13.63 -0.79
CA ALA A 240 -31.93 -12.91 -1.64
C ALA A 240 -31.25 -12.10 -2.75
N ALA A 241 -30.17 -11.42 -2.40
CA ALA A 241 -29.41 -10.65 -3.40
C ALA A 241 -29.00 -11.56 -4.53
N LEU A 242 -28.65 -12.80 -4.17
CA LEU A 242 -28.13 -13.76 -5.13
C LEU A 242 -29.23 -14.44 -5.93
N ASP A 243 -30.17 -15.06 -5.23
CA ASP A 243 -31.32 -15.72 -5.83
C ASP A 243 -31.77 -15.00 -7.08
N GLU A 244 -31.79 -13.67 -7.02
CA GLU A 244 -32.37 -12.80 -8.05
C GLU A 244 -31.44 -12.52 -9.23
N GLY B 1 -33.88 -12.85 -31.66
CA GLY B 1 -34.37 -13.98 -30.91
C GLY B 1 -33.34 -14.54 -29.94
N PRO B 2 -33.50 -15.82 -29.57
CA PRO B 2 -32.68 -16.46 -28.52
C PRO B 2 -31.18 -16.52 -28.82
N LEU B 3 -30.78 -16.33 -30.07
CA LEU B 3 -29.35 -16.39 -30.41
C LEU B 3 -28.72 -15.01 -30.51
N GLY B 4 -29.22 -14.20 -31.42
CA GLY B 4 -28.71 -12.85 -31.62
C GLY B 4 -28.70 -12.03 -30.35
N SER B 5 -29.86 -11.94 -29.70
CA SER B 5 -29.98 -11.16 -28.47
C SER B 5 -29.07 -11.69 -27.36
N VAL B 6 -29.09 -12.99 -27.15
CA VAL B 6 -28.23 -13.61 -26.13
C VAL B 6 -26.76 -13.28 -26.35
N ARG B 7 -26.33 -13.31 -27.61
CA ARG B 7 -24.95 -13.04 -27.97
C ARG B 7 -24.59 -11.58 -27.72
N ASP B 8 -25.46 -10.67 -28.13
CA ASP B 8 -25.24 -9.26 -27.90
C ASP B 8 -25.06 -8.96 -26.41
N GLU B 9 -25.87 -9.62 -25.58
CA GLU B 9 -25.85 -9.42 -24.13
C GLU B 9 -24.53 -9.89 -23.53
N ILE B 10 -24.17 -11.15 -23.78
CA ILE B 10 -22.89 -11.69 -23.34
C ILE B 10 -21.71 -10.82 -23.78
N ARG B 11 -21.80 -10.28 -25.00
CA ARG B 11 -20.77 -9.40 -25.52
C ARG B 11 -20.74 -8.04 -24.81
N SER B 12 -21.92 -7.57 -24.38
CA SER B 12 -22.00 -6.34 -23.59
C SER B 12 -21.51 -6.58 -22.17
N MET B 13 -21.75 -7.79 -21.67
CA MET B 13 -21.26 -8.15 -20.35
C MET B 13 -19.75 -8.37 -20.38
N VAL B 14 -19.27 -9.07 -21.41
CA VAL B 14 -17.83 -9.33 -21.51
C VAL B 14 -17.08 -8.02 -21.65
N SER B 15 -17.70 -7.07 -22.32
CA SER B 15 -17.15 -5.73 -22.43
C SER B 15 -17.01 -5.14 -21.03
N ASP B 16 -18.14 -4.83 -20.39
CA ASP B 16 -18.16 -4.27 -19.05
C ASP B 16 -17.16 -4.99 -18.13
N SER B 17 -17.34 -6.30 -17.97
CA SER B 17 -16.45 -7.12 -17.15
C SER B 17 -14.97 -6.76 -17.34
N VAL B 18 -14.57 -6.57 -18.59
CA VAL B 18 -13.19 -6.24 -18.91
C VAL B 18 -12.82 -4.80 -18.56
N ASP B 19 -13.74 -3.88 -18.80
CA ASP B 19 -13.55 -2.48 -18.39
C ASP B 19 -13.29 -2.43 -16.88
N GLU B 20 -14.00 -3.30 -16.16
CA GLU B 20 -13.92 -3.37 -14.71
C GLU B 20 -12.52 -3.74 -14.22
N ILE B 21 -12.01 -4.86 -14.72
CA ILE B 21 -10.68 -5.33 -14.36
C ILE B 21 -9.63 -4.20 -14.35
N VAL B 22 -9.60 -3.41 -15.42
CA VAL B 22 -8.57 -2.39 -15.55
C VAL B 22 -8.91 -1.08 -14.85
N ASP B 23 -10.18 -0.85 -14.55
CA ASP B 23 -10.56 0.28 -13.71
C ASP B 23 -10.03 0.04 -12.31
N GLY B 24 -10.15 -1.20 -11.85
CA GLY B 24 -9.63 -1.60 -10.55
C GLY B 24 -8.12 -1.49 -10.50
N VAL B 25 -7.46 -2.13 -11.47
CA VAL B 25 -6.00 -2.17 -11.50
C VAL B 25 -5.37 -0.78 -11.64
N SER B 26 -6.08 0.15 -12.27
CA SER B 26 -5.58 1.51 -12.39
C SER B 26 -5.66 2.25 -11.05
N LYS B 27 -6.42 1.68 -10.11
CA LYS B 27 -6.53 2.26 -8.77
C LYS B 27 -5.49 1.62 -7.84
N THR B 28 -5.44 0.30 -7.83
CA THR B 28 -4.38 -0.43 -7.14
C THR B 28 -3.03 0.17 -7.51
N THR B 29 -2.84 0.41 -8.80
CA THR B 29 -1.56 0.85 -9.33
C THR B 29 -1.17 2.24 -8.86
N ALA B 30 -2.12 3.16 -8.93
CA ALA B 30 -1.87 4.51 -8.41
C ALA B 30 -1.55 4.46 -6.91
N GLU B 31 -2.23 3.59 -6.18
CA GLU B 31 -1.96 3.42 -4.76
C GLU B 31 -0.50 3.06 -4.51
N VAL B 32 -0.02 2.01 -5.17
CA VAL B 32 1.38 1.63 -5.07
C VAL B 32 2.32 2.76 -5.48
N ILE B 33 2.06 3.40 -6.62
CA ILE B 33 2.93 4.45 -7.13
C ILE B 33 2.98 5.67 -6.20
N ASN B 34 1.83 6.07 -5.69
CA ASN B 34 1.80 7.20 -4.78
C ASN B 34 2.56 6.87 -3.52
N GLY B 35 2.47 5.62 -3.09
CA GLY B 35 3.23 5.13 -1.96
C GLY B 35 4.73 5.33 -2.14
N ARG B 36 5.24 4.94 -3.29
CA ARG B 36 6.67 5.04 -3.55
C ARG B 36 7.14 6.48 -3.73
N LYS B 37 6.29 7.29 -4.35
CA LYS B 37 6.55 8.72 -4.45
C LYS B 37 6.61 9.43 -3.08
N SER B 38 5.75 9.04 -2.16
N SER B 38 5.74 9.05 -2.15
CA SER B 38 5.73 9.68 -0.84
CA SER B 38 5.74 9.70 -0.84
C SER B 38 7.01 9.37 -0.06
C SER B 38 7.03 9.38 -0.07
N ILE B 39 7.52 8.16 -0.23
CA ILE B 39 8.79 7.76 0.42
C ILE B 39 9.99 8.57 -0.15
N ALA B 40 10.01 8.70 -1.47
CA ALA B 40 11.04 9.49 -2.12
C ALA B 40 11.00 10.93 -1.67
N GLN B 41 9.79 11.52 -1.62
CA GLN B 41 9.73 12.91 -1.15
C GLN B 41 10.21 13.04 0.29
N TYR B 42 9.84 12.05 1.10
CA TYR B 42 10.25 12.03 2.52
C TYR B 42 11.79 12.06 2.63
N ALA B 43 12.44 11.08 2.01
CA ALA B 43 13.88 10.99 2.02
C ALA B 43 14.53 12.28 1.47
N THR B 44 13.98 12.83 0.39
CA THR B 44 14.51 14.08 -0.19
C THR B 44 14.43 15.25 0.79
N SER B 45 13.31 15.41 1.47
CA SER B 45 13.20 16.48 2.46
C SER B 45 14.26 16.35 3.55
N LEU B 46 14.48 15.12 4.01
CA LEU B 46 15.47 14.88 5.06
C LEU B 46 16.88 15.20 4.56
N ILE B 47 17.15 14.78 3.32
CA ILE B 47 18.44 15.13 2.70
C ILE B 47 18.60 16.65 2.59
N GLU B 48 17.56 17.35 2.18
CA GLU B 48 17.67 18.81 2.04
C GLU B 48 17.90 19.47 3.38
N SER B 49 17.39 18.83 4.43
CA SER B 49 17.59 19.35 5.77
C SER B 49 19.07 19.30 6.17
N ASN B 50 19.78 18.28 5.69
CA ASN B 50 21.21 18.17 5.97
C ASN B 50 21.89 17.26 4.94
N PRO B 51 22.41 17.85 3.86
CA PRO B 51 22.89 17.01 2.75
C PRO B 51 24.35 16.53 2.88
N GLU B 52 24.93 16.62 4.08
CA GLU B 52 26.25 16.04 4.33
C GLU B 52 26.21 14.57 3.90
N PRO B 53 27.29 14.08 3.27
CA PRO B 53 27.26 12.75 2.64
C PRO B 53 26.97 11.62 3.62
N ASP B 54 27.47 11.71 4.85
CA ASP B 54 27.21 10.65 5.83
C ASP B 54 25.71 10.56 6.17
N ASN B 55 25.10 11.71 6.43
CA ASN B 55 23.67 11.77 6.65
C ASN B 55 22.91 11.29 5.42
N VAL B 56 23.33 11.72 4.22
CA VAL B 56 22.65 11.23 3.01
C VAL B 56 22.72 9.72 2.96
N ARG B 57 23.90 9.14 3.16
CA ARG B 57 24.02 7.69 3.11
C ARG B 57 23.13 6.97 4.13
N THR B 58 23.05 7.52 5.34
CA THR B 58 22.18 6.95 6.38
C THR B 58 20.71 6.94 5.94
N ILE B 59 20.28 8.05 5.37
CA ILE B 59 18.90 8.16 4.89
C ILE B 59 18.58 7.17 3.77
N ILE B 60 19.47 7.01 2.79
CA ILE B 60 19.11 6.18 1.62
C ILE B 60 19.50 4.72 1.72
N SER B 61 20.24 4.38 2.77
CA SER B 61 20.71 3.00 2.91
C SER B 61 19.89 2.14 3.88
N GLN B 62 18.83 2.69 4.47
CA GLN B 62 17.98 1.86 5.34
C GLN B 62 17.19 0.79 4.57
N PRO B 63 16.79 -0.31 5.23
CA PRO B 63 16.03 -1.35 4.52
C PRO B 63 14.78 -0.87 3.81
N LEU B 64 14.02 0.07 4.38
CA LEU B 64 12.84 0.59 3.67
C LEU B 64 13.18 1.11 2.26
N ILE B 65 14.24 1.92 2.18
CA ILE B 65 14.67 2.43 0.89
C ILE B 65 15.23 1.30 0.03
N LYS B 66 16.06 0.45 0.62
CA LYS B 66 16.67 -0.65 -0.15
C LYS B 66 15.64 -1.64 -0.67
N ASN B 67 14.54 -1.81 0.07
CA ASN B 67 13.51 -2.75 -0.36
C ASN B 67 12.45 -2.11 -1.25
N THR B 68 12.28 -0.80 -1.15
CA THR B 68 11.31 -0.09 -1.99
C THR B 68 11.83 0.18 -3.39
N PHE B 69 13.13 0.50 -3.50
CA PHE B 69 13.71 0.88 -4.79
C PHE B 69 14.88 -0.03 -5.18
N LEU B 70 15.15 -0.14 -6.48
CA LEU B 70 16.31 -0.93 -6.96
C LEU B 70 17.62 -0.32 -6.53
N LEU B 71 17.67 1.00 -6.53
CA LEU B 71 18.89 1.72 -6.29
C LEU B 71 18.53 3.17 -6.07
N VAL B 72 19.33 3.85 -5.25
CA VAL B 72 19.16 5.27 -5.02
C VAL B 72 20.49 5.98 -5.06
N GLY B 73 20.51 7.11 -5.75
CA GLY B 73 21.72 7.87 -5.92
C GLY B 73 21.42 9.36 -6.00
N PHE B 74 22.25 10.16 -5.33
CA PHE B 74 22.18 11.62 -5.32
C PHE B 74 23.35 12.11 -6.19
N GLY B 75 23.03 12.68 -7.36
CA GLY B 75 24.05 13.24 -8.23
C GLY B 75 24.26 14.72 -7.99
N LEU B 76 25.51 15.15 -7.85
CA LEU B 76 25.81 16.52 -7.45
C LEU B 76 26.05 17.42 -8.65
N GLU B 77 25.49 18.62 -8.57
CA GLU B 77 25.64 19.64 -9.61
C GLU B 77 27.06 20.22 -9.65
N LYS B 78 27.72 20.32 -8.50
CA LYS B 78 29.01 20.97 -8.40
C LYS B 78 30.12 20.29 -9.23
N ASP B 79 30.15 18.96 -9.22
CA ASP B 79 31.25 18.21 -9.84
C ASP B 79 30.85 16.88 -10.49
N GLY B 80 29.56 16.57 -10.53
CA GLY B 80 29.12 15.30 -11.08
C GLY B 80 29.44 14.09 -10.19
N SER B 81 29.91 14.33 -8.98
CA SER B 81 30.12 13.23 -8.03
C SER B 81 28.75 12.67 -7.63
N ASN B 82 28.74 11.58 -6.87
CA ASN B 82 27.47 11.03 -6.41
C ASN B 82 27.56 10.34 -5.03
N ILE B 83 26.43 10.31 -4.33
CA ILE B 83 26.31 9.49 -3.12
C ILE B 83 25.20 8.48 -3.38
N ASN B 84 25.48 7.19 -3.19
CA ASN B 84 24.49 6.18 -3.55
C ASN B 84 24.36 5.12 -2.45
N ASN B 85 23.41 4.21 -2.60
CA ASN B 85 23.18 3.22 -1.52
C ASN B 85 23.61 1.81 -1.87
N ASP B 86 24.60 1.70 -2.75
CA ASP B 86 25.14 0.38 -3.11
C ASP B 86 26.58 0.49 -3.59
N PRO B 87 27.55 0.23 -2.70
CA PRO B 87 28.98 0.40 -2.96
C PRO B 87 29.45 -0.46 -4.11
N SER B 88 28.68 -1.47 -4.48
CA SER B 88 29.08 -2.32 -5.59
C SER B 88 28.54 -1.84 -6.93
N TRP B 89 27.67 -0.83 -6.92
CA TRP B 89 27.14 -0.28 -8.17
C TRP B 89 28.20 0.54 -8.89
N ASN B 90 28.34 0.30 -10.19
CA ASN B 90 29.32 1.01 -10.99
C ASN B 90 28.80 1.28 -12.39
N PRO B 91 28.45 2.55 -12.66
CA PRO B 91 27.79 2.93 -13.91
C PRO B 91 28.78 3.09 -15.06
N GLY B 92 30.07 2.97 -14.77
CA GLY B 92 31.10 2.99 -15.80
C GLY B 92 32.12 4.10 -15.59
N PRO B 93 33.19 4.09 -16.41
CA PRO B 93 34.32 5.00 -16.20
C PRO B 93 34.08 6.47 -16.60
N THR B 94 33.09 6.76 -17.44
CA THR B 94 32.86 8.15 -17.87
C THR B 94 31.44 8.61 -17.55
N TRP B 95 30.85 8.08 -16.49
CA TRP B 95 29.47 8.43 -16.15
C TRP B 95 29.41 9.79 -15.47
N ASP B 96 28.48 10.63 -15.92
CA ASP B 96 28.21 11.90 -15.25
C ASP B 96 26.69 11.96 -15.05
N PRO B 97 26.24 12.13 -13.80
CA PRO B 97 24.79 12.14 -13.61
C PRO B 97 24.12 13.34 -14.32
N ARG B 98 24.85 14.43 -14.53
CA ARG B 98 24.25 15.67 -14.99
C ARG B 98 23.73 15.62 -16.43
N VAL B 99 24.14 14.60 -17.18
CA VAL B 99 23.64 14.43 -18.55
C VAL B 99 22.60 13.33 -18.64
N ARG B 100 22.26 12.74 -17.49
CA ARG B 100 21.30 11.64 -17.46
C ARG B 100 19.88 12.22 -17.39
N PRO B 101 18.89 11.45 -17.86
CA PRO B 101 17.52 11.96 -17.95
C PRO B 101 16.84 12.17 -16.59
N TRP B 102 17.09 11.29 -15.62
CA TRP B 102 16.46 11.44 -14.30
C TRP B 102 16.89 12.77 -13.72
N TYR B 103 18.16 13.09 -13.92
CA TYR B 103 18.75 14.28 -13.35
C TYR B 103 18.14 15.52 -13.99
N LYS B 104 18.11 15.53 -15.30
CA LYS B 104 17.61 16.70 -16.03
C LYS B 104 16.11 16.89 -15.82
N ASP B 105 15.36 15.80 -15.86
CA ASP B 105 13.92 15.86 -15.65
C ASP B 105 13.55 16.48 -14.31
N ALA B 106 14.28 16.11 -13.25
CA ALA B 106 14.04 16.67 -11.93
C ALA B 106 14.52 18.11 -11.84
N LYS B 107 15.67 18.39 -12.43
CA LYS B 107 16.21 19.74 -12.43
C LYS B 107 15.28 20.71 -13.15
N ASN B 108 14.71 20.27 -14.26
CA ASN B 108 13.79 21.07 -15.07
C ASN B 108 12.41 21.23 -14.44
N ALA B 109 11.89 20.14 -13.89
CA ALA B 109 10.56 20.18 -13.27
C ALA B 109 10.58 20.98 -11.96
N GLY B 110 11.73 20.98 -11.28
CA GLY B 110 11.87 21.68 -10.01
C GLY B 110 11.02 21.07 -8.93
N LYS B 111 10.60 19.83 -9.15
CA LYS B 111 9.82 19.07 -8.19
C LYS B 111 9.96 17.60 -8.56
N LEU B 112 9.30 16.75 -7.79
CA LEU B 112 9.32 15.31 -8.01
C LEU B 112 8.65 14.89 -9.32
N VAL B 113 9.34 14.03 -10.07
CA VAL B 113 8.79 13.48 -11.30
C VAL B 113 9.11 12.00 -11.37
N ILE B 114 8.38 11.30 -12.23
CA ILE B 114 8.81 9.97 -12.65
C ILE B 114 9.25 10.09 -14.10
N THR B 115 10.32 9.40 -14.47
CA THR B 115 10.85 9.51 -15.83
C THR B 115 10.12 8.56 -16.79
N ALA B 116 10.26 8.84 -18.08
CA ALA B 116 9.88 7.86 -19.09
C ALA B 116 10.90 6.74 -19.02
N PRO B 117 10.57 5.58 -19.62
CA PRO B 117 11.56 4.50 -19.58
C PRO B 117 12.90 4.92 -20.20
N TYR B 118 13.99 4.46 -19.60
CA TYR B 118 15.33 4.69 -20.13
C TYR B 118 16.26 3.56 -19.76
N ALA B 119 17.44 3.52 -20.38
CA ALA B 119 18.36 2.40 -20.18
C ALA B 119 19.33 2.70 -19.05
N ASP B 120 19.30 1.83 -18.04
CA ASP B 120 20.19 1.91 -16.90
C ASP B 120 21.65 1.84 -17.33
N SER B 121 22.47 2.77 -16.86
CA SER B 121 23.85 2.86 -17.31
C SER B 121 24.67 1.63 -16.96
N ALA B 122 24.50 1.11 -15.74
CA ALA B 122 25.28 -0.04 -15.32
C ALA B 122 24.89 -1.34 -16.02
N SER B 123 23.59 -1.60 -16.11
CA SER B 123 23.09 -2.93 -16.52
C SER B 123 22.42 -2.98 -17.87
N GLY B 124 22.09 -1.81 -18.43
CA GLY B 124 21.42 -1.73 -19.72
C GLY B 124 19.92 -1.93 -19.65
N GLU B 125 19.42 -2.43 -18.52
CA GLU B 125 17.99 -2.75 -18.42
C GLU B 125 17.12 -1.50 -18.51
N ILE B 126 15.88 -1.68 -18.96
CA ILE B 126 14.95 -0.57 -19.08
C ILE B 126 14.18 -0.40 -17.76
N LEU B 127 14.23 0.81 -17.22
CA LEU B 127 13.55 1.12 -15.98
C LEU B 127 13.01 2.53 -16.02
N VAL B 128 12.30 2.92 -14.96
CA VAL B 128 11.96 4.31 -14.72
C VAL B 128 12.50 4.69 -13.33
N SER B 129 12.65 5.98 -13.07
CA SER B 129 13.09 6.45 -11.75
C SER B 129 12.18 7.57 -11.27
N VAL B 130 11.86 7.53 -9.97
CA VAL B 130 11.33 8.71 -9.31
C VAL B 130 12.50 9.62 -9.16
N ALA B 131 12.35 10.88 -9.52
CA ALA B 131 13.47 11.80 -9.48
C ALA B 131 13.09 13.10 -8.80
N THR B 132 13.98 13.59 -7.94
CA THR B 132 13.72 14.81 -7.19
C THR B 132 14.93 15.71 -7.20
N PRO B 133 14.70 17.02 -7.29
CA PRO B 133 15.77 18.00 -7.14
C PRO B 133 16.07 18.24 -5.67
N VAL B 134 17.30 18.68 -5.38
CA VAL B 134 17.72 19.04 -4.03
C VAL B 134 18.23 20.49 -3.96
N LYS B 135 17.59 21.30 -3.11
CA LYS B 135 17.99 22.68 -2.91
C LYS B 135 18.78 22.91 -1.65
N ASP B 136 19.76 23.80 -1.74
CA ASP B 136 20.46 24.36 -0.58
C ASP B 136 19.43 25.09 0.28
N SER B 137 19.26 24.67 1.53
CA SER B 137 18.22 25.25 2.37
C SER B 137 18.51 26.69 2.77
N ALA B 138 19.75 27.12 2.56
CA ALA B 138 20.17 28.45 3.00
C ALA B 138 20.13 29.49 1.88
N THR B 139 20.34 29.06 0.65
CA THR B 139 20.43 29.99 -0.47
C THR B 139 19.38 29.69 -1.54
N GLY B 140 18.79 28.50 -1.47
CA GLY B 140 17.83 28.07 -2.48
C GLY B 140 18.48 27.48 -3.74
N GLN B 141 19.80 27.52 -3.83
CA GLN B 141 20.47 27.04 -5.06
C GLN B 141 20.29 25.53 -5.32
N PHE B 142 20.23 25.15 -6.59
CA PHE B 142 20.13 23.75 -6.98
C PHE B 142 21.44 23.03 -6.68
N LEU B 143 21.35 21.96 -5.89
CA LEU B 143 22.51 21.18 -5.47
C LEU B 143 22.73 19.90 -6.29
N GLY B 144 21.67 19.41 -6.89
CA GLY B 144 21.73 18.16 -7.62
C GLY B 144 20.38 17.49 -7.64
N SER B 145 20.32 16.27 -8.17
CA SER B 145 19.08 15.52 -8.28
C SER B 145 19.28 14.13 -7.68
N ILE B 146 18.21 13.52 -7.18
CA ILE B 146 18.27 12.15 -6.68
C ILE B 146 17.39 11.26 -7.51
N PHE B 147 17.87 10.06 -7.82
CA PHE B 147 17.00 9.07 -8.43
C PHE B 147 16.67 7.95 -7.47
N TYR B 148 15.45 7.42 -7.59
CA TYR B 148 15.02 6.26 -6.87
C TYR B 148 14.48 5.30 -7.92
N ASP B 149 15.23 4.22 -8.18
CA ASP B 149 14.95 3.34 -9.32
C ASP B 149 13.75 2.43 -9.12
N VAL B 150 12.89 2.35 -10.13
CA VAL B 150 11.71 1.48 -10.10
C VAL B 150 11.82 0.30 -11.08
N SER B 151 11.67 -0.92 -10.55
CA SER B 151 11.72 -2.12 -11.39
C SER B 151 10.45 -2.31 -12.21
N LEU B 152 10.58 -2.24 -13.53
CA LEU B 152 9.43 -2.43 -14.42
C LEU B 152 8.96 -3.88 -14.44
N ALA B 153 9.92 -4.81 -14.36
CA ALA B 153 9.57 -6.22 -14.26
C ALA B 153 8.63 -6.39 -13.08
N GLU B 154 9.06 -5.89 -11.92
CA GLU B 154 8.25 -5.98 -10.71
C GLU B 154 6.90 -5.28 -10.86
N LEU B 155 6.87 -4.18 -11.60
CA LEU B 155 5.61 -3.51 -11.92
C LEU B 155 4.66 -4.43 -12.71
N ALA B 156 5.22 -5.10 -13.71
CA ALA B 156 4.44 -6.04 -14.51
C ALA B 156 3.89 -7.14 -13.59
N GLU B 157 4.76 -7.64 -12.72
CA GLU B 157 4.37 -8.65 -11.74
C GLU B 157 3.19 -8.18 -10.91
N LEU B 158 3.18 -6.89 -10.57
CA LEU B 158 2.16 -6.32 -9.72
C LEU B 158 0.79 -6.20 -10.39
N VAL B 159 0.75 -5.59 -11.57
CA VAL B 159 -0.50 -5.41 -12.29
C VAL B 159 -1.11 -6.78 -12.67
N ASN B 160 -0.26 -7.81 -12.69
CA ASN B 160 -0.68 -9.15 -13.09
C ASN B 160 -0.99 -10.08 -11.94
N GLU B 161 -1.22 -9.50 -10.75
N GLU B 161 -1.22 -9.50 -10.75
CA GLU B 161 -1.68 -10.25 -9.61
CA GLU B 161 -1.68 -10.25 -9.61
C GLU B 161 -3.04 -10.85 -9.97
C GLU B 161 -3.04 -10.85 -9.97
N VAL B 162 -3.94 -9.96 -10.41
CA VAL B 162 -5.20 -10.31 -11.05
C VAL B 162 -5.21 -11.75 -11.56
N LYS B 163 -6.24 -12.51 -11.21
CA LYS B 163 -6.40 -13.86 -11.76
C LYS B 163 -7.12 -13.79 -13.10
N LEU B 164 -6.39 -13.95 -14.19
CA LEU B 164 -6.99 -13.96 -15.52
C LEU B 164 -7.12 -15.38 -16.05
N PHE B 165 -6.95 -16.34 -15.14
CA PHE B 165 -7.08 -17.75 -15.48
C PHE B 165 -6.38 -18.06 -16.80
N ASP B 166 -5.26 -17.37 -17.02
CA ASP B 166 -4.36 -17.62 -18.16
C ASP B 166 -4.99 -17.30 -19.51
N ALA B 167 -6.02 -16.47 -19.51
CA ALA B 167 -6.72 -16.10 -20.74
C ALA B 167 -6.22 -14.78 -21.32
N GLY B 168 -5.22 -14.20 -20.68
CA GLY B 168 -4.66 -12.92 -21.12
C GLY B 168 -3.69 -12.32 -20.11
N TYR B 169 -3.42 -11.02 -20.24
CA TYR B 169 -2.48 -10.35 -19.34
C TYR B 169 -2.66 -8.83 -19.25
N VAL B 170 -2.10 -8.26 -18.19
CA VAL B 170 -2.15 -6.82 -17.93
C VAL B 170 -0.82 -6.14 -18.22
N PHE B 171 -0.88 -4.88 -18.63
CA PHE B 171 0.33 -4.10 -18.92
C PHE B 171 0.10 -2.62 -18.66
N ILE B 172 1.16 -1.83 -18.76
CA ILE B 172 1.07 -0.40 -18.50
C ILE B 172 1.69 0.37 -19.65
N VAL B 173 1.07 1.49 -20.02
CA VAL B 173 1.64 2.37 -21.04
C VAL B 173 1.46 3.82 -20.66
N SER B 174 2.28 4.68 -21.24
CA SER B 174 2.14 6.12 -21.04
C SER B 174 1.17 6.69 -22.06
N GLU B 175 0.95 7.99 -22.00
CA GLU B 175 -0.01 8.66 -22.88
C GLU B 175 0.29 8.39 -24.35
N ASP B 176 1.54 8.63 -24.76
CA ASP B 176 1.93 8.53 -26.16
C ASP B 176 2.01 7.10 -26.68
N GLY B 177 1.68 6.13 -25.84
CA GLY B 177 1.66 4.74 -26.26
C GLY B 177 2.88 3.93 -25.82
N THR B 178 3.90 4.62 -25.32
CA THR B 178 5.12 3.95 -24.86
C THR B 178 4.82 2.93 -23.77
N THR B 179 5.39 1.75 -23.89
CA THR B 179 5.15 0.73 -22.88
C THR B 179 5.97 1.07 -21.64
N ILE B 180 5.30 1.10 -20.49
CA ILE B 180 5.97 1.33 -19.21
C ILE B 180 6.33 0.00 -18.59
N ALA B 181 5.39 -0.95 -18.64
CA ALA B 181 5.59 -2.26 -18.04
C ALA B 181 4.78 -3.33 -18.76
N HIS B 182 5.48 -4.38 -19.20
CA HIS B 182 4.85 -5.50 -19.88
C HIS B 182 5.45 -6.79 -19.31
N PRO B 183 4.62 -7.84 -19.16
CA PRO B 183 5.07 -9.13 -18.63
C PRO B 183 6.30 -9.69 -19.38
N LYS B 184 6.54 -9.19 -20.59
CA LYS B 184 7.76 -9.50 -21.33
C LYS B 184 8.58 -8.24 -21.45
N LYS B 185 9.65 -8.17 -20.66
CA LYS B 185 10.43 -6.94 -20.53
C LYS B 185 10.96 -6.39 -21.85
N GLU B 186 10.94 -7.21 -22.89
CA GLU B 186 11.43 -6.77 -24.20
C GLU B 186 10.61 -5.60 -24.76
N PHE B 187 9.37 -5.47 -24.32
CA PHE B 187 8.50 -4.41 -24.81
C PHE B 187 8.61 -3.10 -24.04
N ASN B 188 9.18 -3.16 -22.83
CA ASN B 188 9.36 -1.95 -22.04
C ASN B 188 10.13 -0.89 -22.82
N GLY B 189 9.56 0.32 -22.87
CA GLY B 189 10.20 1.43 -23.54
C GLY B 189 9.87 1.52 -25.03
N LYS B 190 9.14 0.51 -25.51
CA LYS B 190 8.78 0.41 -26.92
C LYS B 190 7.33 0.87 -27.17
N PRO B 191 7.04 1.26 -28.41
CA PRO B 191 5.63 1.54 -28.76
C PRO B 191 4.79 0.31 -28.47
N MET B 192 3.59 0.50 -27.95
CA MET B 192 2.74 -0.64 -27.61
C MET B 192 2.21 -1.32 -28.88
N SER B 193 2.27 -0.59 -30.00
CA SER B 193 1.89 -1.15 -31.28
C SER B 193 2.65 -2.45 -31.57
N GLU B 194 3.75 -2.65 -30.87
CA GLU B 194 4.61 -3.82 -31.11
C GLU B 194 4.01 -5.14 -30.62
N PHE B 195 3.16 -5.10 -29.60
CA PHE B 195 2.54 -6.34 -29.09
C PHE B 195 1.02 -6.34 -29.20
N LEU B 196 0.45 -5.18 -29.52
CA LEU B 196 -1.00 -5.05 -29.67
C LEU B 196 -1.39 -5.04 -31.14
N GLY B 197 -0.60 -4.33 -31.94
CA GLY B 197 -0.98 -3.95 -33.28
C GLY B 197 -1.42 -2.50 -33.22
N GLU B 198 -2.31 -2.21 -32.28
CA GLU B 198 -2.81 -0.86 -32.08
C GLU B 198 -1.69 0.09 -31.67
N SER B 199 -1.69 1.29 -32.24
CA SER B 199 -0.67 2.28 -31.91
C SER B 199 -1.24 3.39 -31.03
N LYS B 200 -2.57 3.48 -30.98
CA LYS B 200 -3.25 4.53 -30.25
C LYS B 200 -4.11 3.97 -29.12
N ILE B 201 -4.24 4.74 -28.05
CA ILE B 201 -5.00 4.31 -26.87
C ILE B 201 -6.51 4.52 -27.02
N ASN B 202 -7.26 3.44 -26.87
CA ASN B 202 -8.72 3.50 -26.83
C ASN B 202 -9.23 2.79 -25.59
N VAL B 203 -9.68 3.58 -24.61
CA VAL B 203 -9.96 3.05 -23.26
C VAL B 203 -11.11 2.04 -23.20
N ASP B 204 -12.26 2.43 -23.74
CA ASP B 204 -13.43 1.56 -23.79
C ASP B 204 -13.04 0.25 -24.46
N THR B 205 -13.49 -0.87 -23.91
CA THR B 205 -13.15 -2.18 -24.45
C THR B 205 -13.40 -2.22 -25.96
N HIS B 206 -12.75 -3.16 -26.63
CA HIS B 206 -12.89 -3.34 -28.06
C HIS B 206 -12.09 -4.55 -28.54
N GLN B 207 -12.29 -4.93 -29.80
CA GLN B 207 -11.65 -6.09 -30.38
C GLN B 207 -10.37 -5.67 -31.14
N VAL B 208 -9.39 -6.56 -31.21
CA VAL B 208 -8.12 -6.22 -31.84
C VAL B 208 -7.53 -7.30 -32.75
N ILE B 209 -7.08 -6.87 -33.94
CA ILE B 209 -6.44 -7.76 -34.90
C ILE B 209 -4.97 -7.98 -34.57
N ILE B 210 -4.66 -9.17 -34.10
CA ILE B 210 -3.30 -9.54 -33.74
C ILE B 210 -3.06 -11.01 -34.07
N ASN B 211 -2.19 -11.27 -35.04
CA ASN B 211 -2.16 -12.57 -35.70
C ASN B 211 -3.51 -12.80 -36.37
N GLY B 212 -4.06 -11.74 -36.93
CA GLY B 212 -5.42 -11.76 -37.44
C GLY B 212 -6.34 -12.50 -36.49
N LYS B 213 -6.31 -12.11 -35.21
CA LYS B 213 -7.10 -12.81 -34.20
C LYS B 213 -7.68 -11.86 -33.14
N PRO B 214 -8.86 -12.21 -32.59
CA PRO B 214 -9.63 -11.40 -31.64
C PRO B 214 -9.31 -11.60 -30.16
N TYR B 215 -8.87 -10.51 -29.52
CA TYR B 215 -8.75 -10.43 -28.07
C TYR B 215 -9.45 -9.16 -27.60
N ALA B 216 -9.92 -9.14 -26.36
CA ALA B 216 -10.55 -7.92 -25.83
C ALA B 216 -9.51 -7.02 -25.15
N VAL B 217 -9.62 -5.72 -25.37
CA VAL B 217 -8.59 -4.78 -24.96
C VAL B 217 -9.17 -3.49 -24.39
N SER B 218 -8.87 -3.22 -23.12
CA SER B 218 -9.35 -2.00 -22.48
C SER B 218 -8.24 -1.25 -21.74
N PHE B 219 -8.44 0.05 -21.55
CA PHE B 219 -7.49 0.90 -20.85
C PHE B 219 -8.19 1.73 -19.78
N SER B 220 -7.57 1.81 -18.60
CA SER B 220 -8.02 2.74 -17.57
C SER B 220 -6.87 3.63 -17.14
N ASP B 221 -7.12 4.93 -17.06
CA ASP B 221 -6.11 5.89 -16.68
C ASP B 221 -5.56 5.60 -15.29
N VAL B 222 -4.33 6.03 -15.04
CA VAL B 222 -3.76 5.98 -13.70
C VAL B 222 -3.71 7.38 -13.11
N GLU B 223 -4.34 7.56 -11.95
CA GLU B 223 -4.37 8.87 -11.32
C GLU B 223 -3.00 9.24 -10.75
N GLY B 224 -2.45 10.37 -11.20
CA GLY B 224 -1.16 10.86 -10.71
C GLY B 224 -0.06 10.91 -11.73
N GLU B 225 -0.15 10.05 -12.75
CA GLU B 225 0.80 10.04 -13.86
C GLU B 225 0.04 10.11 -15.18
N ASP B 226 0.73 10.45 -16.25
CA ASP B 226 0.13 10.33 -17.59
C ASP B 226 0.27 8.89 -18.07
N TRP B 227 -0.28 7.96 -17.30
CA TRP B 227 -0.19 6.54 -17.57
C TRP B 227 -1.57 5.88 -17.74
N TYR B 228 -1.59 4.72 -18.39
CA TYR B 228 -2.79 3.89 -18.47
C TYR B 228 -2.43 2.45 -18.22
N VAL B 229 -3.29 1.75 -17.48
CA VAL B 229 -3.20 0.31 -17.35
C VAL B 229 -4.00 -0.26 -18.51
N GLY B 230 -3.51 -1.37 -19.07
CA GLY B 230 -4.15 -1.99 -20.21
C GLY B 230 -4.25 -3.49 -20.05
N VAL B 231 -5.20 -4.10 -20.76
CA VAL B 231 -5.40 -5.54 -20.66
C VAL B 231 -5.76 -6.13 -22.02
N VAL B 232 -5.41 -7.40 -22.20
CA VAL B 232 -5.79 -8.15 -23.38
C VAL B 232 -6.21 -9.54 -22.95
N ILE B 233 -7.40 -9.95 -23.36
CA ILE B 233 -7.87 -11.31 -23.06
C ILE B 233 -8.47 -12.00 -24.29
N ASP B 234 -8.41 -13.33 -24.28
CA ASP B 234 -8.93 -14.14 -25.37
C ASP B 234 -10.45 -14.01 -25.43
N GLU B 235 -10.95 -13.36 -26.48
CA GLU B 235 -12.39 -13.14 -26.59
C GLU B 235 -13.16 -14.46 -26.65
N GLU B 236 -12.59 -15.46 -27.31
CA GLU B 236 -13.21 -16.77 -27.36
C GLU B 236 -13.36 -17.35 -25.96
N ILE B 237 -12.27 -17.31 -25.20
CA ILE B 237 -12.26 -17.82 -23.84
C ILE B 237 -13.05 -16.90 -22.91
N ALA B 238 -12.98 -15.61 -23.19
CA ALA B 238 -13.74 -14.63 -22.44
C ALA B 238 -15.23 -14.91 -22.61
N TYR B 239 -15.70 -14.77 -23.84
CA TYR B 239 -17.10 -15.04 -24.18
C TYR B 239 -17.62 -16.30 -23.50
N ALA B 240 -16.87 -17.38 -23.60
CA ALA B 240 -17.30 -18.67 -23.07
C ALA B 240 -17.58 -18.65 -21.57
N ALA B 241 -16.80 -17.87 -20.83
CA ALA B 241 -16.90 -17.86 -19.38
C ALA B 241 -18.07 -17.01 -18.87
N LEU B 242 -18.35 -15.92 -19.58
CA LEU B 242 -19.50 -15.09 -19.24
C LEU B 242 -20.78 -15.73 -19.75
N ASP B 243 -20.66 -16.51 -20.81
CA ASP B 243 -21.78 -17.27 -21.37
C ASP B 243 -22.25 -18.36 -20.41
N GLU B 244 -21.32 -19.20 -19.97
CA GLU B 244 -21.65 -20.27 -19.02
C GLU B 244 -21.92 -19.70 -17.63
#